data_5ML9
#
_entry.id   5ML9
#
_cell.length_a   56.481
_cell.length_b   72.587
_cell.length_c   96.451
_cell.angle_alpha   90.00
_cell.angle_beta   90.00
_cell.angle_gamma   90.00
#
_symmetry.space_group_name_H-M   'P 21 21 21'
#
loop_
_entity.id
_entity.type
_entity.pdbx_description
1 polymer 'Low affinity immunoglobulin gamma Fc region receptor III-A'
2 polymer 'Affimer F4 with specificity for Fc gamma receptor IIIa'
3 non-polymer 2-acetamido-2-deoxy-beta-D-glucopyranose
4 non-polymer 'SULFATE ION'
5 non-polymer DI(HYDROXYETHYL)ETHER
6 non-polymer 'CHLORIDE ION'
7 water water
#
loop_
_entity_poly.entity_id
_entity_poly.type
_entity_poly.pdbx_seq_one_letter_code
_entity_poly.pdbx_strand_id
1 'polypeptide(L)'
;RTEDLPKAVVFLEPQWYRVLEKDSVTLKCQGAYSPEDNSTQWFHNESLISSQASSYFIDAATVDDSGEYRCQTNLSTLSD
PVQLEVHIGWLLLQAPRWVFKEEDPIHLRCHSWKNTALHKVTYLQNGKGRKYFHHNSDFYIPKATLKDSGSYFCRGLVGS
KNVSSETVNITITQG
;
A
2 'polypeptide(L)'
;AQLHSTVRAVPGNENSLEIEELARFAVDEHNKKENALLEFVRVVKAKEQYEDEHWFPGTMYYLTLEAKDGGKKKLYEAKV
WVKNTAAPPSHMNFKELQEFKPVGDAAAAHHHHHH
;
B
#
loop_
_chem_comp.id
_chem_comp.type
_chem_comp.name
_chem_comp.formula
CL non-polymer 'CHLORIDE ION' 'Cl -1'
NAG D-saccharide, beta linking 2-acetamido-2-deoxy-beta-D-glucopyranose 'C8 H15 N O6'
PEG non-polymer DI(HYDROXYETHYL)ETHER 'C4 H10 O3'
SO4 non-polymer 'SULFATE ION' 'O4 S -2'
#
# COMPACT_ATOMS: atom_id res chain seq x y z
N GLU A 3 -7.51 -19.00 30.73
CA GLU A 3 -6.30 -19.21 29.94
C GLU A 3 -6.38 -18.46 28.61
N ASP A 4 -6.81 -19.14 27.56
CA ASP A 4 -6.97 -18.54 26.25
C ASP A 4 -8.36 -17.96 26.13
N LEU A 5 -8.45 -16.61 26.16
CA LEU A 5 -9.75 -15.96 26.12
C LEU A 5 -10.08 -15.47 24.71
N PRO A 6 -11.37 -15.36 24.38
CA PRO A 6 -11.76 -14.84 23.06
C PRO A 6 -11.72 -13.32 23.02
N LYS A 7 -10.50 -12.79 22.94
CA LYS A 7 -10.31 -11.35 22.96
C LYS A 7 -10.72 -10.76 21.63
N ALA A 8 -11.52 -9.69 21.67
CA ALA A 8 -11.78 -8.93 20.46
C ALA A 8 -10.47 -8.42 19.88
N VAL A 9 -10.52 -8.03 18.62
CA VAL A 9 -9.33 -7.55 17.91
C VAL A 9 -9.70 -6.26 17.18
N VAL A 10 -9.00 -5.18 17.51
CA VAL A 10 -9.16 -3.92 16.80
C VAL A 10 -8.43 -4.02 15.47
N PHE A 11 -9.09 -3.59 14.41
CA PHE A 11 -8.49 -3.52 13.09
C PHE A 11 -8.61 -2.11 12.54
N LEU A 12 -7.56 -1.65 11.87
CA LEU A 12 -7.55 -0.34 11.24
C LEU A 12 -7.95 -0.47 9.78
N GLU A 13 -8.74 0.48 9.31
CA GLU A 13 -9.15 0.56 7.90
C GLU A 13 -9.03 2.02 7.46
N PRO A 14 -7.98 2.37 6.70
CA PRO A 14 -6.88 1.53 6.20
C PRO A 14 -6.00 0.98 7.31
N GLN A 15 -5.08 0.09 6.94
CA GLN A 15 -4.27 -0.62 7.93
C GLN A 15 -3.17 0.24 8.54
N TRP A 16 -2.96 1.45 8.07
CA TRP A 16 -1.79 2.22 8.47
C TRP A 16 -1.97 2.71 9.91
N TYR A 17 -1.03 2.36 10.78
CA TYR A 17 -1.03 2.83 12.15
C TYR A 17 -0.38 4.20 12.29
N ARG A 18 0.32 4.66 11.26
CA ARG A 18 0.84 6.01 11.18
C ARG A 18 0.06 6.76 10.12
N VAL A 19 -0.67 7.78 10.52
CA VAL A 19 -1.48 8.57 9.60
C VAL A 19 -1.11 10.04 9.75
N LEU A 20 -1.32 10.78 8.67
CA LEU A 20 -1.17 12.23 8.72
C LEU A 20 -2.45 12.87 9.23
N GLU A 21 -2.31 14.03 9.87
CA GLU A 21 -3.48 14.81 10.26
C GLU A 21 -4.38 15.03 9.05
N LYS A 22 -5.69 15.01 9.30
CA LYS A 22 -6.74 15.22 8.31
C LYS A 22 -7.06 13.91 7.56
N ASP A 23 -6.33 12.83 7.77
CA ASP A 23 -6.65 11.56 7.15
C ASP A 23 -7.88 10.94 7.82
N SER A 24 -8.59 10.12 7.06
CA SER A 24 -9.69 9.32 7.60
C SER A 24 -9.14 7.99 8.12
N VAL A 25 -9.67 7.56 9.26
CA VAL A 25 -9.28 6.31 9.88
C VAL A 25 -10.54 5.66 10.43
N THR A 26 -10.74 4.39 10.10
CA THR A 26 -11.82 3.59 10.67
C THR A 26 -11.21 2.48 11.51
N LEU A 27 -11.70 2.34 12.73
CA LEU A 27 -11.28 1.27 13.62
C LEU A 27 -12.46 0.32 13.79
N LYS A 28 -12.24 -0.95 13.49
CA LYS A 28 -13.30 -1.96 13.55
C LYS A 28 -13.02 -2.94 14.66
N CYS A 29 -14.07 -3.37 15.34
CA CYS A 29 -13.97 -4.35 16.40
C CYS A 29 -14.36 -5.71 15.85
N GLN A 30 -13.42 -6.65 15.90
CA GLN A 30 -13.69 -8.03 15.48
C GLN A 30 -14.10 -8.80 16.72
N GLY A 31 -15.40 -8.78 16.99
CA GLY A 31 -15.98 -9.49 18.12
C GLY A 31 -17.44 -9.80 17.88
N ALA A 32 -17.89 -10.97 18.31
CA ALA A 32 -19.24 -11.43 18.01
C ALA A 32 -20.27 -10.72 18.89
N TYR A 33 -21.45 -10.51 18.31
CA TYR A 33 -22.57 -9.91 19.02
C TYR A 33 -23.47 -11.00 19.59
N SER A 34 -24.28 -10.63 20.57
CA SER A 34 -25.35 -11.48 21.03
C SER A 34 -26.68 -11.00 20.46
N PRO A 35 -27.70 -11.85 20.44
CA PRO A 35 -28.97 -11.44 19.81
C PRO A 35 -29.58 -10.19 20.42
N GLU A 36 -29.31 -9.93 21.70
CA GLU A 36 -29.86 -8.75 22.37
C GLU A 36 -28.88 -7.59 22.44
N ASP A 37 -27.58 -7.86 22.45
CA ASP A 37 -26.55 -6.82 22.60
C ASP A 37 -25.63 -6.82 21.39
N ASN A 38 -25.94 -5.98 20.40
CA ASN A 38 -25.06 -5.74 19.27
C ASN A 38 -24.25 -4.45 19.44
N SER A 39 -23.99 -4.07 20.68
CA SER A 39 -23.21 -2.87 20.96
C SER A 39 -21.73 -3.21 21.09
N THR A 40 -20.88 -2.22 20.82
CA THR A 40 -19.44 -2.37 20.91
C THR A 40 -18.91 -1.39 21.93
N GLN A 41 -18.04 -1.87 22.82
CA GLN A 41 -17.38 -1.00 23.79
C GLN A 41 -16.04 -0.54 23.21
N TRP A 42 -15.89 0.78 23.05
CA TRP A 42 -14.68 1.36 22.50
C TRP A 42 -13.92 2.11 23.59
N PHE A 43 -12.61 1.87 23.66
CA PHE A 43 -11.75 2.52 24.65
C PHE A 43 -10.65 3.30 23.96
N HIS A 44 -10.39 4.51 24.45
CA HIS A 44 -9.30 5.34 23.95
C HIS A 44 -8.49 5.84 25.14
N ASN A 45 -7.23 5.41 25.22
CA ASN A 45 -6.36 5.73 26.35
C ASN A 45 -7.00 5.29 27.65
N GLU A 46 -7.51 4.07 27.66
CA GLU A 46 -8.15 3.41 28.80
C GLU A 46 -9.50 4.04 29.17
N SER A 47 -9.97 5.02 28.40
CA SER A 47 -11.24 5.68 28.70
C SER A 47 -12.32 5.20 27.75
N LEU A 48 -13.51 4.95 28.30
CA LEU A 48 -14.65 4.50 27.51
C LEU A 48 -15.26 5.69 26.78
N ILE A 49 -15.23 5.66 25.45
CA ILE A 49 -15.80 6.73 24.64
C ILE A 49 -17.26 6.41 24.33
N SER A 50 -17.99 7.39 23.81
CA SER A 50 -19.43 7.26 23.67
C SER A 50 -19.82 6.28 22.57
N SER A 51 -19.03 6.18 21.51
CA SER A 51 -19.41 5.38 20.36
C SER A 51 -19.66 3.93 20.77
N GLN A 52 -20.77 3.37 20.31
CA GLN A 52 -21.10 1.97 20.52
C GLN A 52 -21.38 1.24 19.20
N ALA A 53 -20.85 1.75 18.11
CA ALA A 53 -21.08 1.15 16.80
C ALA A 53 -20.03 0.10 16.49
N SER A 54 -20.27 -0.66 15.41
CA SER A 54 -19.35 -1.72 15.03
C SER A 54 -17.96 -1.15 14.73
N SER A 55 -17.90 0.00 14.06
CA SER A 55 -16.63 0.61 13.65
C SER A 55 -16.62 2.07 14.08
N TYR A 56 -15.52 2.49 14.71
CA TYR A 56 -15.35 3.86 15.18
C TYR A 56 -14.68 4.67 14.07
N PHE A 57 -15.43 5.61 13.49
CA PHE A 57 -14.98 6.35 12.32
C PHE A 57 -14.41 7.69 12.71
N ILE A 58 -13.26 8.03 12.11
CA ILE A 58 -12.58 9.30 12.33
C ILE A 58 -12.50 10.00 10.98
N ASP A 59 -13.33 11.02 10.77
CA ASP A 59 -13.39 11.68 9.47
C ASP A 59 -12.08 12.40 9.14
N ALA A 60 -11.55 13.15 10.10
CA ALA A 60 -10.30 13.88 9.91
C ALA A 60 -9.49 13.76 11.20
N ALA A 61 -8.41 12.98 11.15
CA ALA A 61 -7.65 12.70 12.35
C ALA A 61 -6.92 13.94 12.85
N THR A 62 -6.89 14.10 14.17
CA THR A 62 -6.09 15.11 14.82
C THR A 62 -5.13 14.44 15.78
N VAL A 63 -4.23 15.25 16.34
CA VAL A 63 -3.21 14.70 17.24
C VAL A 63 -3.87 14.15 18.50
N ASP A 64 -5.04 14.67 18.88
CA ASP A 64 -5.76 14.12 20.01
C ASP A 64 -6.29 12.72 19.76
N ASP A 65 -6.40 12.32 18.48
CA ASP A 65 -6.88 10.97 18.15
C ASP A 65 -5.78 9.92 18.27
N SER A 66 -4.53 10.32 18.46
CA SER A 66 -3.47 9.36 18.67
C SER A 66 -3.69 8.62 20.00
N GLY A 67 -2.89 7.58 20.21
CA GLY A 67 -2.96 6.80 21.43
C GLY A 67 -3.34 5.35 21.20
N GLU A 68 -3.74 4.67 22.27
CA GLU A 68 -4.09 3.25 22.21
C GLU A 68 -5.60 3.09 22.19
N TYR A 69 -6.07 2.12 21.41
CA TYR A 69 -7.48 1.83 21.30
C TYR A 69 -7.72 0.37 21.61
N ARG A 70 -8.79 0.09 22.36
CA ARG A 70 -9.23 -1.27 22.64
C ARG A 70 -10.74 -1.32 22.46
N CYS A 71 -11.25 -2.53 22.27
CA CYS A 71 -12.69 -2.69 22.07
C CYS A 71 -13.14 -4.00 22.69
N GLN A 72 -14.46 -4.17 22.74
CA GLN A 72 -15.04 -5.37 23.33
C GLN A 72 -16.49 -5.49 22.88
N THR A 73 -16.92 -6.71 22.62
CA THR A 73 -18.31 -7.02 22.31
C THR A 73 -18.84 -8.00 23.35
N ASN A 74 -20.15 -8.31 23.24
CA ASN A 74 -20.81 -9.13 24.25
C ASN A 74 -20.09 -10.45 24.46
N LEU A 75 -19.74 -11.14 23.37
CA LEU A 75 -19.22 -12.49 23.43
C LEU A 75 -17.70 -12.56 23.39
N SER A 76 -17.01 -11.42 23.37
CA SER A 76 -15.56 -11.39 23.37
C SER A 76 -15.04 -10.72 24.63
N THR A 77 -13.72 -10.68 24.75
CA THR A 77 -13.02 -10.09 25.87
C THR A 77 -12.28 -8.84 25.41
N LEU A 78 -12.03 -7.93 26.37
CA LEU A 78 -11.32 -6.70 26.06
C LEU A 78 -10.08 -6.98 25.22
N SER A 79 -10.01 -6.33 24.07
CA SER A 79 -8.93 -6.56 23.12
C SER A 79 -7.60 -6.05 23.66
N ASP A 80 -6.52 -6.56 23.08
CA ASP A 80 -5.22 -5.94 23.22
C ASP A 80 -5.27 -4.54 22.60
N PRO A 81 -4.34 -3.67 22.95
CA PRO A 81 -4.37 -2.31 22.41
C PRO A 81 -3.68 -2.20 21.06
N VAL A 82 -4.19 -1.28 20.24
CA VAL A 82 -3.60 -0.94 18.96
C VAL A 82 -3.18 0.52 19.01
N GLN A 83 -1.93 0.79 18.63
CA GLN A 83 -1.37 2.13 18.67
C GLN A 83 -1.65 2.87 17.37
N LEU A 84 -2.17 4.09 17.48
CA LEU A 84 -2.39 4.96 16.33
C LEU A 84 -1.57 6.23 16.53
N GLU A 85 -0.68 6.52 15.58
CA GLU A 85 0.15 7.70 15.61
C GLU A 85 -0.31 8.68 14.54
N VAL A 86 -0.55 9.93 14.93
CA VAL A 86 -0.93 10.99 14.00
C VAL A 86 0.25 11.94 13.86
N HIS A 87 0.72 12.12 12.64
CA HIS A 87 1.86 12.97 12.34
C HIS A 87 1.44 14.17 11.51
N ILE A 88 2.27 15.20 11.54
CA ILE A 88 2.07 16.42 10.78
C ILE A 88 3.31 16.63 9.94
N GLY A 89 3.16 16.50 8.62
CA GLY A 89 4.28 16.72 7.72
C GLY A 89 3.83 16.65 6.28
N TRP A 90 4.70 17.15 5.40
CA TRP A 90 4.45 17.07 3.97
C TRP A 90 4.36 15.61 3.50
N LEU A 91 5.13 14.72 4.12
CA LEU A 91 5.30 13.37 3.63
C LEU A 91 5.38 12.42 4.81
N LEU A 92 5.00 11.16 4.59
CA LEU A 92 4.99 10.18 5.66
C LEU A 92 5.17 8.78 5.11
N LEU A 93 6.00 7.99 5.78
CA LEU A 93 6.12 6.57 5.50
C LEU A 93 5.14 5.81 6.38
N GLN A 94 4.22 5.09 5.76
CA GLN A 94 3.18 4.36 6.48
C GLN A 94 3.47 2.87 6.45
N ALA A 95 2.96 2.18 7.46
CA ALA A 95 3.07 0.73 7.56
C ALA A 95 1.95 0.24 8.47
N PRO A 96 1.58 -1.04 8.37
CA PRO A 96 0.56 -1.56 9.28
C PRO A 96 1.06 -1.81 10.69
N ARG A 97 2.38 -1.86 10.88
CA ARG A 97 3.01 -2.13 12.18
C ARG A 97 4.50 -1.91 11.99
N TRP A 98 5.26 -2.13 13.07
CA TRP A 98 6.71 -2.00 13.02
C TRP A 98 7.44 -3.27 13.43
N VAL A 99 6.72 -4.31 13.84
CA VAL A 99 7.30 -5.63 14.12
C VAL A 99 6.64 -6.62 13.18
N PHE A 100 7.46 -7.25 12.33
CA PHE A 100 6.99 -8.24 11.38
C PHE A 100 7.70 -9.57 11.66
N LYS A 101 6.93 -10.64 11.69
CA LYS A 101 7.52 -11.98 11.79
C LYS A 101 8.23 -12.29 10.48
N GLU A 102 9.29 -13.09 10.58
CA GLU A 102 9.99 -13.54 9.39
C GLU A 102 9.02 -14.25 8.45
N GLU A 103 9.18 -14.03 7.15
CA GLU A 103 8.38 -14.60 6.07
C GLU A 103 7.02 -13.93 5.92
N ASP A 104 6.70 -12.91 6.72
CA ASP A 104 5.45 -12.17 6.53
C ASP A 104 5.67 -10.99 5.59
N PRO A 105 4.61 -10.49 4.97
CA PRO A 105 4.76 -9.40 3.99
C PRO A 105 4.89 -8.04 4.66
N ILE A 106 5.78 -7.22 4.11
CA ILE A 106 6.00 -5.85 4.58
C ILE A 106 5.42 -4.91 3.53
N HIS A 107 4.28 -4.30 3.85
CA HIS A 107 3.57 -3.40 2.95
C HIS A 107 3.78 -1.97 3.42
N LEU A 108 4.52 -1.18 2.64
CA LEU A 108 4.83 0.20 2.96
C LEU A 108 4.17 1.14 1.96
N ARG A 109 3.86 2.35 2.41
CA ARG A 109 3.16 3.34 1.61
C ARG A 109 3.73 4.72 1.91
N CYS A 110 3.99 5.49 0.85
CA CYS A 110 4.47 6.86 0.99
C CYS A 110 3.28 7.79 0.76
N HIS A 111 2.82 8.44 1.82
CA HIS A 111 1.60 9.23 1.81
C HIS A 111 1.94 10.71 1.98
N SER A 112 1.44 11.54 1.07
CA SER A 112 1.68 12.97 1.10
C SER A 112 0.53 13.68 1.80
N TRP A 113 0.84 14.88 2.31
CA TRP A 113 -0.14 15.70 3.02
C TRP A 113 -1.43 15.84 2.22
N LYS A 114 -2.54 16.12 2.90
CA LYS A 114 -3.85 16.22 2.28
C LYS A 114 -3.79 16.99 0.97
N ASN A 115 -4.30 16.36 -0.10
CA ASN A 115 -4.47 17.01 -1.39
C ASN A 115 -3.14 17.57 -1.91
N THR A 116 -2.13 16.71 -1.94
CA THR A 116 -0.85 17.05 -2.56
C THR A 116 -0.42 15.89 -3.46
N ALA A 117 0.17 16.23 -4.60
CA ALA A 117 0.66 15.23 -5.52
C ALA A 117 2.05 14.76 -5.08
N LEU A 118 2.31 13.48 -5.31
CA LEU A 118 3.60 12.88 -4.96
C LEU A 118 4.11 12.09 -6.16
N HIS A 119 5.34 12.39 -6.59
CA HIS A 119 5.91 11.78 -7.78
C HIS A 119 7.36 11.42 -7.51
N LYS A 120 7.87 10.49 -8.32
CA LYS A 120 9.25 10.02 -8.20
C LYS A 120 9.55 9.58 -6.77
N VAL A 121 8.70 8.68 -6.27
CA VAL A 121 8.85 8.16 -4.92
C VAL A 121 10.03 7.21 -4.86
N THR A 122 10.85 7.35 -3.81
CA THR A 122 11.94 6.43 -3.53
C THR A 122 11.76 5.93 -2.10
N TYR A 123 11.91 4.63 -1.91
CA TYR A 123 11.94 4.02 -0.59
C TYR A 123 13.38 3.65 -0.26
N LEU A 124 13.84 4.06 0.92
CA LEU A 124 15.21 3.83 1.34
C LEU A 124 15.26 3.00 2.61
N GLN A 125 16.25 2.13 2.70
CA GLN A 125 16.52 1.35 3.90
C GLN A 125 17.93 1.66 4.37
N ASN A 126 18.04 2.15 5.61
CA ASN A 126 19.34 2.43 6.21
C ASN A 126 20.16 3.35 5.29
N GLY A 127 19.51 4.37 4.75
CA GLY A 127 20.18 5.36 3.94
C GLY A 127 20.50 4.94 2.52
N LYS A 128 19.98 3.81 2.05
CA LYS A 128 20.25 3.32 0.69
C LYS A 128 18.94 3.16 -0.06
N GLY A 129 18.90 3.63 -1.30
CA GLY A 129 17.73 3.47 -2.14
C GLY A 129 17.41 2.01 -2.40
N ARG A 130 16.16 1.62 -2.15
CA ARG A 130 15.73 0.23 -2.27
C ARG A 130 14.68 0.00 -3.35
N LYS A 131 13.79 0.95 -3.59
CA LYS A 131 12.75 0.79 -4.61
C LYS A 131 12.45 2.16 -5.20
N TYR A 132 12.58 2.28 -6.51
CA TYR A 132 12.35 3.54 -7.22
C TYR A 132 11.08 3.45 -8.05
N PHE A 133 10.23 4.47 -7.93
CA PHE A 133 9.02 4.58 -8.73
C PHE A 133 9.01 5.91 -9.46
N HIS A 134 8.19 5.97 -10.52
CA HIS A 134 8.01 7.20 -11.27
C HIS A 134 6.93 8.08 -10.66
N HIS A 135 5.84 7.48 -10.19
CA HIS A 135 4.77 8.21 -9.53
C HIS A 135 4.80 7.92 -8.03
N ASN A 136 3.72 7.33 -7.48
CA ASN A 136 3.62 7.09 -6.04
C ASN A 136 2.95 5.73 -5.82
N SER A 137 3.75 4.67 -5.90
CA SER A 137 3.28 3.33 -5.66
C SER A 137 3.69 2.85 -4.27
N ASP A 138 2.88 1.95 -3.71
CA ASP A 138 3.29 1.28 -2.48
C ASP A 138 4.48 0.38 -2.75
N PHE A 139 5.22 0.10 -1.69
CA PHE A 139 6.36 -0.82 -1.73
C PHE A 139 5.97 -2.07 -0.96
N TYR A 140 5.80 -3.18 -1.69
CA TYR A 140 5.37 -4.45 -1.11
C TYR A 140 6.55 -5.41 -1.12
N ILE A 141 6.89 -5.94 0.05
CA ILE A 141 7.90 -6.98 0.19
C ILE A 141 7.19 -8.24 0.65
N PRO A 142 6.95 -9.22 -0.23
CA PRO A 142 6.05 -10.33 0.15
C PRO A 142 6.59 -11.22 1.26
N LYS A 143 7.91 -11.41 1.34
CA LYS A 143 8.51 -12.35 2.29
C LYS A 143 9.56 -11.62 3.11
N ALA A 144 9.20 -11.24 4.34
CA ALA A 144 10.14 -10.56 5.21
C ALA A 144 11.29 -11.49 5.58
N THR A 145 12.49 -10.93 5.65
CA THR A 145 13.68 -11.67 6.08
C THR A 145 14.40 -10.84 7.13
N LEU A 146 15.45 -11.43 7.71
CA LEU A 146 16.21 -10.73 8.73
C LEU A 146 16.89 -9.48 8.17
N LYS A 147 17.24 -9.50 6.88
CA LYS A 147 17.88 -8.35 6.26
C LYS A 147 16.91 -7.20 5.99
N ASP A 148 15.60 -7.44 6.11
CA ASP A 148 14.63 -6.37 5.93
C ASP A 148 14.56 -5.43 7.13
N SER A 149 15.18 -5.80 8.25
CA SER A 149 15.18 -4.94 9.43
C SER A 149 16.04 -3.70 9.18
N GLY A 150 15.59 -2.58 9.70
CA GLY A 150 16.34 -1.35 9.57
C GLY A 150 15.45 -0.14 9.72
N SER A 151 16.06 1.03 9.51
CA SER A 151 15.34 2.29 9.50
C SER A 151 14.96 2.62 8.06
N TYR A 152 13.69 2.94 7.85
CA TYR A 152 13.14 3.19 6.53
C TYR A 152 12.59 4.61 6.45
N PHE A 153 12.72 5.22 5.26
CA PHE A 153 11.95 6.42 4.94
C PHE A 153 11.76 6.46 3.43
N CYS A 154 10.76 7.23 3.01
CA CYS A 154 10.47 7.41 1.60
C CYS A 154 10.68 8.87 1.23
N ARG A 155 10.85 9.11 -0.07
CA ARG A 155 11.33 10.39 -0.57
C ARG A 155 10.70 10.63 -1.94
N GLY A 156 10.30 11.87 -2.20
CA GLY A 156 9.71 12.20 -3.47
C GLY A 156 9.49 13.68 -3.62
N LEU A 157 8.74 14.04 -4.67
CA LEU A 157 8.40 15.42 -4.96
C LEU A 157 6.94 15.65 -4.54
N VAL A 158 6.76 16.43 -3.47
CA VAL A 158 5.43 16.84 -3.03
C VAL A 158 5.13 18.14 -3.76
N GLY A 159 4.33 18.06 -4.82
CA GLY A 159 4.17 19.17 -5.73
C GLY A 159 5.43 19.34 -6.56
N SER A 160 6.19 20.39 -6.26
CA SER A 160 7.50 20.58 -6.87
C SER A 160 8.62 20.59 -5.84
N LYS A 161 8.32 20.35 -4.56
CA LYS A 161 9.32 20.35 -3.50
C LYS A 161 9.83 18.94 -3.29
N ASN A 162 11.15 18.77 -3.30
CA ASN A 162 11.77 17.48 -3.01
C ASN A 162 11.81 17.30 -1.50
N VAL A 163 11.15 16.25 -1.01
CA VAL A 163 10.90 16.06 0.42
C VAL A 163 11.31 14.65 0.82
N SER A 164 11.87 14.53 2.03
CA SER A 164 12.17 13.24 2.63
C SER A 164 11.36 13.08 3.91
N SER A 165 10.78 11.90 4.09
CA SER A 165 9.95 11.64 5.26
C SER A 165 10.83 11.32 6.47
N GLU A 166 10.18 11.29 7.64
CA GLU A 166 10.88 10.86 8.85
C GLU A 166 11.14 9.36 8.79
N THR A 167 12.21 8.94 9.46
CA THR A 167 12.59 7.54 9.45
C THR A 167 11.70 6.72 10.38
N VAL A 168 11.63 5.43 10.10
CA VAL A 168 10.83 4.49 10.88
C VAL A 168 11.63 3.20 11.03
N ASN A 169 11.80 2.75 12.27
CA ASN A 169 12.45 1.47 12.51
C ASN A 169 11.50 0.32 12.26
N ILE A 170 12.01 -0.73 11.64
CA ILE A 170 11.27 -1.95 11.38
C ILE A 170 12.16 -3.12 11.79
N THR A 171 11.68 -3.94 12.73
CA THR A 171 12.39 -5.12 13.18
C THR A 171 11.66 -6.38 12.76
N ILE A 172 12.46 -7.42 12.48
CA ILE A 172 11.94 -8.72 12.08
C ILE A 172 12.32 -9.71 13.17
N THR A 173 11.33 -10.40 13.71
CA THR A 173 11.55 -11.42 14.72
C THR A 173 11.75 -12.78 14.05
N GLN A 174 12.70 -13.55 14.57
CA GLN A 174 13.00 -14.87 14.03
C GLN A 174 12.15 -15.94 14.72
N ALA B 1 14.96 -11.98 -12.58
CA ALA B 1 14.75 -13.24 -13.28
C ALA B 1 14.04 -14.25 -12.38
N GLN B 2 14.39 -14.25 -11.09
CA GLN B 2 13.82 -15.18 -10.12
C GLN B 2 12.79 -14.44 -9.27
N LEU B 3 11.52 -14.79 -9.45
CA LEU B 3 10.41 -14.09 -8.81
C LEU B 3 9.84 -14.92 -7.68
N HIS B 4 9.26 -14.24 -6.70
CA HIS B 4 8.52 -14.93 -5.65
C HIS B 4 7.32 -15.64 -6.25
N SER B 5 6.98 -16.80 -5.70
CA SER B 5 5.93 -17.63 -6.28
C SER B 5 4.54 -17.02 -6.10
N THR B 6 4.40 -16.03 -5.21
CA THR B 6 3.10 -15.42 -4.96
C THR B 6 2.86 -14.29 -5.94
N VAL B 7 1.58 -14.03 -6.21
CA VAL B 7 1.15 -12.97 -7.10
C VAL B 7 0.06 -12.18 -6.38
N ARG B 8 0.32 -10.91 -6.12
CA ARG B 8 -0.58 -10.09 -5.32
C ARG B 8 -1.59 -9.40 -6.22
N ALA B 9 -2.86 -9.48 -5.85
CA ALA B 9 -3.90 -8.73 -6.52
C ALA B 9 -3.96 -7.32 -5.95
N VAL B 10 -3.86 -6.33 -6.84
CA VAL B 10 -3.80 -4.93 -6.43
C VAL B 10 -5.21 -4.43 -6.15
N PRO B 11 -5.55 -4.06 -4.91
CA PRO B 11 -6.89 -3.54 -4.64
C PRO B 11 -7.19 -2.31 -5.47
N GLY B 12 -8.48 -1.98 -5.57
CA GLY B 12 -8.93 -0.84 -6.34
C GLY B 12 -8.24 0.46 -5.97
N ASN B 13 -7.61 1.09 -6.95
CA ASN B 13 -6.97 2.40 -6.76
C ASN B 13 -5.82 2.32 -5.76
N GLU B 14 -4.92 1.37 -6.00
CA GLU B 14 -3.63 1.29 -5.31
C GLU B 14 -2.55 1.25 -6.40
N ASN B 15 -1.63 2.21 -6.36
CA ASN B 15 -0.64 2.37 -7.42
C ASN B 15 -1.30 2.72 -8.75
N SER B 16 -2.48 3.36 -8.69
CA SER B 16 -3.25 3.64 -9.90
C SER B 16 -2.43 4.41 -10.93
N LEU B 17 -1.62 5.37 -10.48
CA LEU B 17 -0.85 6.17 -11.43
C LEU B 17 0.26 5.35 -12.06
N GLU B 18 1.07 4.66 -11.24
CA GLU B 18 2.08 3.77 -11.78
C GLU B 18 1.46 2.74 -12.71
N ILE B 19 0.29 2.22 -12.35
CA ILE B 19 -0.34 1.16 -13.13
C ILE B 19 -0.95 1.72 -14.40
N GLU B 20 -1.63 2.87 -14.31
CA GLU B 20 -2.23 3.47 -15.50
C GLU B 20 -1.16 3.88 -16.51
N GLU B 21 0.01 4.29 -16.04
CA GLU B 21 1.09 4.62 -16.96
C GLU B 21 1.65 3.37 -17.62
N LEU B 22 1.81 2.30 -16.84
CA LEU B 22 2.31 1.05 -17.40
C LEU B 22 1.32 0.43 -18.39
N ALA B 23 0.03 0.72 -18.21
CA ALA B 23 -0.97 0.27 -19.19
C ALA B 23 -0.82 1.02 -20.50
N ARG B 24 -0.74 2.35 -20.44
CA ARG B 24 -0.54 3.15 -21.65
C ARG B 24 0.73 2.73 -22.36
N PHE B 25 1.83 2.58 -21.61
CA PHE B 25 3.07 2.09 -22.20
C PHE B 25 2.85 0.77 -22.94
N ALA B 26 2.11 -0.15 -22.31
CA ALA B 26 1.89 -1.46 -22.92
C ALA B 26 1.16 -1.33 -24.25
N VAL B 27 0.09 -0.53 -24.28
CA VAL B 27 -0.63 -0.29 -25.53
C VAL B 27 0.29 0.34 -26.56
N ASP B 28 0.99 1.42 -26.18
CA ASP B 28 1.88 2.10 -27.10
C ASP B 28 2.93 1.14 -27.65
N GLU B 29 3.45 0.26 -26.80
CA GLU B 29 4.43 -0.73 -27.25
C GLU B 29 3.79 -1.75 -28.19
N HIS B 30 2.53 -2.11 -27.93
CA HIS B 30 1.83 -3.01 -28.83
C HIS B 30 1.57 -2.35 -30.18
N ASN B 31 1.02 -1.14 -30.16
CA ASN B 31 0.78 -0.42 -31.41
C ASN B 31 2.06 -0.25 -32.20
N LYS B 32 3.16 0.08 -31.52
CA LYS B 32 4.43 0.24 -32.22
C LYS B 32 4.91 -1.07 -32.83
N LYS B 33 4.76 -2.17 -32.08
CA LYS B 33 5.34 -3.44 -32.53
C LYS B 33 4.48 -4.11 -33.60
N GLU B 34 3.15 -3.99 -33.51
CA GLU B 34 2.25 -4.61 -34.47
C GLU B 34 1.53 -3.59 -35.35
N ASN B 35 1.94 -2.31 -35.29
CA ASN B 35 1.33 -1.26 -36.11
C ASN B 35 -0.19 -1.28 -35.97
N ALA B 36 -0.64 -1.36 -34.72
CA ALA B 36 -2.06 -1.43 -34.39
C ALA B 36 -2.59 -0.04 -34.08
N LEU B 37 -3.88 0.04 -33.74
CA LEU B 37 -4.57 1.31 -33.53
C LEU B 37 -5.35 1.32 -32.22
N LEU B 38 -4.94 0.51 -31.25
CA LEU B 38 -5.66 0.44 -29.99
C LEU B 38 -5.53 1.76 -29.22
N GLU B 39 -6.64 2.21 -28.66
CA GLU B 39 -6.68 3.43 -27.85
C GLU B 39 -7.03 3.04 -26.42
N PHE B 40 -6.15 3.40 -25.48
CA PHE B 40 -6.34 3.04 -24.09
C PHE B 40 -7.60 3.70 -23.53
N VAL B 41 -8.25 3.00 -22.60
CA VAL B 41 -9.45 3.52 -21.94
C VAL B 41 -9.21 3.53 -20.43
N ARG B 42 -8.99 2.35 -19.85
CA ARG B 42 -8.80 2.26 -18.41
C ARG B 42 -8.25 0.89 -18.05
N VAL B 43 -7.68 0.81 -16.86
CA VAL B 43 -7.23 -0.45 -16.28
C VAL B 43 -8.41 -1.07 -15.55
N VAL B 44 -8.64 -2.37 -15.77
CA VAL B 44 -9.74 -3.07 -15.14
C VAL B 44 -9.26 -3.64 -13.82
N LYS B 45 -8.22 -4.47 -13.87
CA LYS B 45 -7.63 -5.05 -12.68
C LYS B 45 -6.14 -5.23 -12.92
N ALA B 46 -5.40 -5.41 -11.83
CA ALA B 46 -3.95 -5.50 -11.92
C ALA B 46 -3.42 -6.45 -10.86
N LYS B 47 -2.33 -7.12 -11.20
CA LYS B 47 -1.64 -8.02 -10.29
C LYS B 47 -0.15 -7.72 -10.36
N GLU B 48 0.55 -8.05 -9.28
CA GLU B 48 1.98 -7.77 -9.18
C GLU B 48 2.69 -9.00 -8.65
N GLN B 49 3.80 -9.35 -9.30
CA GLN B 49 4.68 -10.41 -8.86
C GLN B 49 6.07 -9.82 -8.66
N TYR B 50 6.62 -10.00 -7.47
CA TYR B 50 7.78 -9.24 -7.03
C TYR B 50 9.04 -10.09 -7.12
N GLU B 51 10.14 -9.45 -7.50
CA GLU B 51 11.41 -10.13 -7.66
C GLU B 51 11.99 -10.49 -6.29
N ASP B 52 12.84 -11.52 -6.30
CA ASP B 52 13.31 -12.13 -5.06
C ASP B 52 14.35 -11.30 -4.33
N GLU B 53 15.21 -10.58 -5.07
CA GLU B 53 16.39 -10.00 -4.43
C GLU B 53 16.04 -8.76 -3.63
N HIS B 54 16.99 -8.34 -2.79
CA HIS B 54 16.73 -7.32 -1.78
C HIS B 54 16.68 -5.92 -2.37
N TRP B 55 17.69 -5.55 -3.16
CA TRP B 55 17.84 -4.19 -3.64
C TRP B 55 17.30 -4.06 -5.06
N PHE B 56 16.57 -2.98 -5.30
CA PHE B 56 15.96 -2.69 -6.60
C PHE B 56 15.15 -3.89 -7.13
N PRO B 57 14.32 -4.50 -6.28
CA PRO B 57 13.55 -5.66 -6.74
C PRO B 57 12.63 -5.30 -7.89
N GLY B 58 12.73 -6.05 -8.98
CA GLY B 58 11.83 -5.83 -10.09
C GLY B 58 10.41 -6.22 -9.76
N THR B 59 9.49 -5.75 -10.60
CA THR B 59 8.08 -6.10 -10.49
C THR B 59 7.59 -6.59 -11.85
N MET B 60 6.72 -7.59 -11.82
CA MET B 60 6.07 -8.11 -13.03
C MET B 60 4.58 -7.79 -12.88
N TYR B 61 4.08 -6.92 -13.76
CA TYR B 61 2.70 -6.48 -13.72
C TYR B 61 1.87 -7.30 -14.69
N TYR B 62 0.76 -7.85 -14.20
CA TYR B 62 -0.22 -8.53 -15.03
C TYR B 62 -1.44 -7.62 -15.06
N LEU B 63 -1.62 -6.90 -16.17
CA LEU B 63 -2.62 -5.86 -16.29
C LEU B 63 -3.74 -6.29 -17.21
N THR B 64 -4.98 -6.00 -16.80
CA THR B 64 -6.16 -6.23 -17.61
C THR B 64 -6.76 -4.86 -17.93
N LEU B 65 -6.66 -4.45 -19.18
CA LEU B 65 -7.01 -3.10 -19.58
C LEU B 65 -8.03 -3.12 -20.71
N GLU B 66 -8.82 -2.07 -20.78
CA GLU B 66 -9.80 -1.87 -21.84
C GLU B 66 -9.23 -0.90 -22.87
N ALA B 67 -9.37 -1.25 -24.14
CA ALA B 67 -8.86 -0.42 -25.22
C ALA B 67 -9.87 -0.39 -26.36
N LYS B 68 -9.91 0.72 -27.08
CA LYS B 68 -10.78 0.86 -28.24
C LYS B 68 -10.05 0.40 -29.49
N ASP B 69 -10.69 -0.51 -30.23
CA ASP B 69 -10.16 -1.02 -31.50
C ASP B 69 -11.20 -0.69 -32.56
N GLY B 70 -10.98 0.40 -33.29
CA GLY B 70 -11.99 0.85 -34.24
C GLY B 70 -13.31 1.17 -33.59
N GLY B 71 -13.29 1.75 -32.40
CA GLY B 71 -14.49 2.05 -31.66
C GLY B 71 -15.00 0.93 -30.77
N LYS B 72 -14.56 -0.30 -31.01
CA LYS B 72 -15.00 -1.45 -30.22
C LYS B 72 -14.15 -1.57 -28.97
N LYS B 73 -14.76 -1.40 -27.81
CA LYS B 73 -14.07 -1.56 -26.54
C LYS B 73 -13.84 -3.05 -26.27
N LYS B 74 -12.58 -3.44 -26.12
CA LYS B 74 -12.22 -4.84 -25.89
C LYS B 74 -11.26 -4.94 -24.71
N LEU B 75 -11.19 -6.12 -24.13
CA LEU B 75 -10.30 -6.41 -23.01
C LEU B 75 -9.00 -7.04 -23.52
N TYR B 76 -7.89 -6.65 -22.91
CA TYR B 76 -6.60 -7.25 -23.22
C TYR B 76 -5.87 -7.52 -21.91
N GLU B 77 -4.92 -8.45 -21.98
CA GLU B 77 -4.09 -8.84 -20.84
C GLU B 77 -2.65 -8.46 -21.17
N ALA B 78 -2.08 -7.52 -20.41
CA ALA B 78 -0.73 -7.05 -20.62
C ALA B 78 0.18 -7.56 -19.51
N LYS B 79 1.40 -7.93 -19.89
CA LYS B 79 2.43 -8.37 -18.97
C LYS B 79 3.64 -7.47 -19.14
N VAL B 80 4.00 -6.73 -18.10
CA VAL B 80 5.04 -5.71 -18.18
C VAL B 80 6.03 -5.95 -17.04
N TRP B 81 7.31 -5.93 -17.37
CA TRP B 81 8.38 -6.08 -16.41
C TRP B 81 9.02 -4.72 -16.16
N VAL B 82 9.25 -4.38 -14.89
CA VAL B 82 9.83 -3.10 -14.51
C VAL B 82 10.87 -3.34 -13.44
N LYS B 83 12.13 -2.99 -13.72
CA LYS B 83 13.21 -3.03 -12.74
C LYS B 83 13.90 -1.68 -12.75
N ASN B 84 13.70 -0.90 -11.68
CA ASN B 84 14.29 0.43 -11.56
C ASN B 84 15.45 0.35 -10.58
N THR B 85 16.68 0.42 -11.10
CA THR B 85 17.88 0.43 -10.28
C THR B 85 18.31 1.84 -9.91
N ALA B 86 17.67 2.87 -10.46
CA ALA B 86 17.95 4.24 -10.07
C ALA B 86 16.70 5.08 -10.28
N ALA B 87 16.69 6.25 -9.66
CA ALA B 87 15.52 7.12 -9.74
C ALA B 87 15.33 7.61 -11.17
N PRO B 88 14.16 7.43 -11.77
CA PRO B 88 13.97 7.86 -13.16
C PRO B 88 13.96 9.38 -13.27
N PRO B 89 14.20 9.93 -14.47
CA PRO B 89 14.48 9.19 -15.70
C PRO B 89 15.95 8.81 -15.83
N SER B 90 16.24 7.50 -15.89
CA SER B 90 17.60 7.02 -16.08
C SER B 90 17.58 5.83 -17.02
N HIS B 91 18.66 5.70 -17.79
CA HIS B 91 18.76 4.63 -18.78
C HIS B 91 19.15 3.29 -18.15
N MET B 92 19.46 3.27 -16.85
CA MET B 92 19.68 2.00 -16.16
C MET B 92 18.37 1.31 -15.78
N ASN B 93 17.24 2.01 -15.88
CA ASN B 93 15.94 1.41 -15.60
C ASN B 93 15.42 0.69 -16.83
N PHE B 94 14.81 -0.47 -16.62
CA PHE B 94 14.31 -1.29 -17.70
C PHE B 94 12.80 -1.43 -17.59
N LYS B 95 12.14 -1.43 -18.75
CA LYS B 95 10.68 -1.51 -18.83
C LYS B 95 10.34 -2.21 -20.14
N GLU B 96 9.67 -3.35 -20.06
CA GLU B 96 9.53 -4.23 -21.23
C GLU B 96 8.14 -4.84 -21.24
N LEU B 97 7.42 -4.64 -22.35
CA LEU B 97 6.15 -5.32 -22.57
C LEU B 97 6.46 -6.74 -23.04
N GLN B 98 6.25 -7.72 -22.16
CA GLN B 98 6.61 -9.10 -22.45
C GLN B 98 5.52 -9.87 -23.17
N GLU B 99 4.25 -9.54 -22.92
CA GLU B 99 3.15 -10.24 -23.57
C GLU B 99 1.95 -9.29 -23.66
N PHE B 100 1.21 -9.41 -24.77
CA PHE B 100 0.02 -8.60 -24.98
C PHE B 100 -0.96 -9.43 -25.80
N LYS B 101 -2.05 -9.85 -25.17
CA LYS B 101 -3.01 -10.75 -25.78
C LYS B 101 -4.42 -10.25 -25.54
N PRO B 102 -5.36 -10.54 -26.44
CA PRO B 102 -6.77 -10.22 -26.18
C PRO B 102 -7.39 -11.19 -25.18
N VAL B 103 -8.71 -11.10 -25.01
CA VAL B 103 -9.42 -11.95 -24.07
C VAL B 103 -10.76 -12.37 -24.71
C1 NAG C . -4.14 9.54 24.07
C2 NAG C . -4.29 11.06 23.98
C3 NAG C . -3.26 11.61 23.00
C4 NAG C . -1.85 11.16 23.38
C5 NAG C . -1.82 9.64 23.52
C6 NAG C . -0.49 9.12 24.02
C7 NAG C . -6.63 11.61 24.44
C8 NAG C . -7.96 12.01 23.85
N2 NAG C . -5.63 11.44 23.58
O3 NAG C . -3.33 13.04 23.00
O4 NAG C . -0.92 11.56 22.39
O5 NAG C . -2.81 9.20 24.46
O6 NAG C . -0.21 9.58 25.34
O7 NAG C . -6.48 11.45 25.65
H1 NAG C . -4.32 9.15 23.20
H2 NAG C . -4.11 11.44 24.86
H3 NAG C . -3.47 11.29 22.10
H4 NAG C . -1.61 11.57 24.24
H5 NAG C . -2.01 9.24 22.65
H61 NAG C . -0.51 8.15 24.02
H62 NAG C . 0.21 9.42 23.43
H81 NAG C . -8.62 12.11 24.57
H82 NAG C . -7.86 12.85 23.37
H83 NAG C . -8.25 11.32 23.22
HN2 NAG C . -5.80 11.57 22.69
HO3 NAG C . -3.78 13.31 22.28
HO4 NAG C . -0.75 12.42 22.49
HO6 NAG C . 0.53 10.08 25.33
C1 NAG D . 15.78 2.99 15.87
C2 NAG D . 15.61 4.44 16.33
C3 NAG D . 16.91 4.96 16.92
C4 NAG D . 17.41 4.03 18.01
C5 NAG D . 17.52 2.61 17.47
C6 NAG D . 17.92 1.60 18.52
C7 NAG D . 13.90 5.57 14.99
C8 NAG D . 13.64 6.45 13.80
N2 NAG D . 15.18 5.28 15.22
O3 NAG D . 16.68 6.25 17.46
O4 NAG D . 18.69 4.46 18.47
O5 NAG D . 16.25 2.19 16.95
O6 NAG D . 18.59 0.49 17.94
O7 NAG D . 12.99 5.16 15.70
H1 NAG D . 16.40 2.95 15.12
H2 NAG D . 14.93 4.46 17.02
H3 NAG D . 17.58 5.03 16.22
H4 NAG D . 16.78 4.04 18.75
H5 NAG D . 18.19 2.60 16.75
H61 NAG D . 18.52 2.03 19.16
H62 NAG D . 17.12 1.28 18.98
H81 NAG D . 12.67 6.61 13.72
H82 NAG D . 14.09 7.31 13.92
H83 NAG D . 13.96 6.02 12.99
HN2 NAG D . 15.81 5.61 14.65
HO3 NAG D . 16.70 6.86 16.82
HO4 NAG D . 18.93 5.20 18.05
HO6 NAG D . 19.34 0.77 17.55
C1 NAG E . -23.95 -9.56 27.17
C2 NAG E . -23.39 -8.53 28.15
C3 NAG E . -23.83 -8.86 29.56
C4 NAG E . -25.35 -9.00 29.63
C5 NAG E . -25.83 -10.01 28.58
C6 NAG E . -27.32 -10.12 28.51
C7 NAG E . -21.28 -7.45 27.50
C8 NAG E . -19.78 -7.54 27.51
N2 NAG E . -21.93 -8.46 28.06
O3 NAG E . -23.40 -7.83 30.45
O4 NAG E . -25.75 -9.44 30.92
O5 NAG E . -25.37 -9.63 27.29
O6 NAG E . -27.80 -9.79 27.20
O7 NAG E . -21.86 -6.49 27.01
H1 NAG E . -23.55 -10.43 27.34
H2 NAG E . -23.75 -7.66 27.91
H3 NAG E . -23.43 -9.71 29.84
H4 NAG E . -25.76 -8.14 29.44
H5 NAG E . -25.46 -10.89 28.80
H61 NAG E . -27.73 -9.50 29.14
H62 NAG E . -27.60 -11.02 28.72
H81 NAG E . -19.50 -8.34 27.03
H82 NAG E . -19.46 -7.60 28.43
H83 NAG E . -19.40 -6.76 27.08
HN2 NAG E . -21.45 -9.15 28.42
HO3 NAG E . -22.54 -7.95 30.64
HO4 NAG E . -26.23 -8.80 31.31
HO6 NAG E . -27.83 -10.53 26.70
S SO4 F . -13.78 13.46 13.50
O1 SO4 F . -13.32 14.36 12.45
O2 SO4 F . -14.34 12.25 12.91
O3 SO4 F . -12.63 13.11 14.35
O4 SO4 F . -14.79 14.13 14.31
S SO4 G . -0.97 10.70 -1.66
O1 SO4 G . -1.56 11.96 -1.22
O2 SO4 G . -1.41 10.41 -3.02
O3 SO4 G . 0.49 10.81 -1.64
O4 SO4 G . -1.38 9.61 -0.76
C2 PEG H . 19.90 8.14 -5.19
O2 PEG H . 19.53 7.23 -4.16
C3 PEG H . 20.43 7.30 -3.06
C4 PEG H . 21.41 6.12 -3.15
O4 PEG H . 21.24 5.26 -2.02
H21 PEG H . 19.86 9.15 -4.80
H22 PEG H . 20.92 7.93 -5.51
H31 PEG H . 20.98 8.23 -3.07
H32 PEG H . 19.87 7.23 -2.12
H41 PEG H . 22.43 6.51 -3.18
H42 PEG H . 21.22 5.56 -4.07
HO4 PEG H . 21.87 4.52 -2.09
O2 PEG I . 15.45 -10.23 1.62
C3 PEG I . 16.30 -10.76 0.60
C4 PEG I . 16.97 -12.03 1.09
O4 PEG I . 17.42 -11.86 2.44
H31 PEG I . 17.06 -10.03 0.33
H32 PEG I . 15.71 -10.98 -0.29
H41 PEG I . 17.82 -12.27 0.45
H42 PEG I . 16.27 -12.87 1.05
HO4 PEG I . 17.86 -12.66 2.75
O2 PEG J . 3.87 23.44 -3.67
C3 PEG J . 3.59 22.47 -2.66
C4 PEG J . 4.54 22.65 -1.48
O4 PEG J . 5.04 21.38 -1.05
H31 PEG J . 2.56 22.59 -2.32
H32 PEG J . 3.69 21.46 -3.07
H41 PEG J . 5.38 23.28 -1.79
H42 PEG J . 4.02 23.14 -0.66
HO4 PEG J . 5.65 21.51 -0.30
O2 PEG K . -4.41 1.97 26.57
C3 PEG K . -5.72 1.42 26.54
C4 PEG K . -6.43 1.82 25.24
O4 PEG K . -7.81 2.07 25.52
H31 PEG K . -6.30 1.79 27.39
H32 PEG K . -5.67 0.33 26.60
H41 PEG K . -6.33 1.01 24.52
H42 PEG K . -5.96 2.72 24.83
HO4 PEG K . -8.26 2.33 24.70
CL CL L . -1.95 -5.73 2.48
S SO4 M . 8.79 -17.95 -2.62
O1 SO4 M . 7.53 -17.30 -2.26
O2 SO4 M . 8.82 -18.19 -4.06
O3 SO4 M . 9.92 -17.10 -2.25
O4 SO4 M . 8.89 -19.23 -1.92
#